data_4IUF
#
_entry.id   4IUF
#
_cell.length_a   71.110
_cell.length_b   71.110
_cell.length_c   101.663
_cell.angle_alpha   90.00
_cell.angle_beta   90.00
_cell.angle_gamma   120.00
#
_symmetry.space_group_name_H-M   'P 65 2 2'
#
loop_
_entity.id
_entity.type
_entity.pdbx_description
1 polymer 'TAR DNA-binding protein 43'
2 polymer "5'-D(*GP*TP*TP*GP*(XUA)P*GP*CP*GP*T)-3'"
3 water water
#
loop_
_entity_poly.entity_id
_entity_poly.type
_entity_poly.pdbx_seq_one_letter_code
_entity_poly.pdbx_strand_id
1 'polypeptide(L)' TSDLIVLGLPWKTTEQDLKEYFSTFGEVLMVQVKKDLKTGHSKGFGFVRFTEYETQVKVMSQRHMIDGRWCDCKLPN A
2 'polydeoxyribonucleotide' (DG)(DT)(DT)(DG)(XUA)(DG)(DC)(DG)(DT) B
#
# COMPACT_ATOMS: atom_id res chain seq x y z
N THR A 1 12.68 9.41 -2.07
CA THR A 1 11.60 8.46 -1.82
C THR A 1 11.67 7.27 -2.77
N SER A 2 11.23 6.11 -2.30
CA SER A 2 11.20 4.89 -3.10
C SER A 2 9.85 4.21 -2.94
N ASP A 3 9.57 3.24 -3.81
CA ASP A 3 8.34 2.48 -3.70
C ASP A 3 8.40 1.60 -2.46
N LEU A 4 7.28 1.51 -1.76
CA LEU A 4 7.14 0.56 -0.66
C LEU A 4 6.20 -0.53 -1.11
N ILE A 5 6.57 -1.78 -0.85
CA ILE A 5 5.67 -2.89 -1.09
C ILE A 5 4.73 -3.03 0.10
N VAL A 6 3.46 -3.32 -0.19
CA VAL A 6 2.46 -3.47 0.85
C VAL A 6 2.00 -4.92 0.91
N LEU A 7 2.43 -5.63 1.96
CA LEU A 7 2.07 -7.04 2.12
C LEU A 7 0.85 -7.22 3.01
N GLY A 8 -0.01 -8.18 2.65
CA GLY A 8 -1.10 -8.60 3.51
C GLY A 8 -2.46 -8.00 3.20
N LEU A 9 -2.57 -7.28 2.09
CA LEU A 9 -3.82 -6.63 1.73
C LEU A 9 -4.96 -7.62 1.63
N PRO A 10 -6.11 -7.28 2.22
CA PRO A 10 -7.33 -8.07 2.00
C PRO A 10 -7.68 -8.14 0.51
N TRP A 11 -8.18 -9.28 0.07
CA TRP A 11 -8.43 -9.50 -1.35
C TRP A 11 -9.39 -8.45 -1.94
N LYS A 12 -10.23 -7.86 -1.09
CA LYS A 12 -11.24 -6.91 -1.55
C LYS A 12 -10.69 -5.49 -1.69
N THR A 13 -9.50 -5.26 -1.15
CA THR A 13 -8.93 -3.91 -1.11
C THR A 13 -8.52 -3.42 -2.49
N THR A 14 -8.98 -2.23 -2.84
CA THR A 14 -8.73 -1.67 -4.16
C THR A 14 -7.76 -0.50 -4.09
N GLU A 15 -7.22 -0.12 -5.24
CA GLU A 15 -6.28 1.00 -5.30
C GLU A 15 -6.95 2.26 -4.76
N GLN A 16 -8.26 2.35 -4.92
CA GLN A 16 -9.02 3.46 -4.37
C GLN A 16 -8.90 3.44 -2.86
N ASP A 17 -9.06 2.25 -2.28
CA ASP A 17 -9.02 2.08 -0.83
C ASP A 17 -7.64 2.45 -0.28
N LEU A 18 -6.59 1.98 -0.94
CA LEU A 18 -5.22 2.28 -0.50
C LEU A 18 -4.98 3.78 -0.52
N LYS A 19 -5.28 4.42 -1.65
CA LYS A 19 -5.10 5.86 -1.78
C LYS A 19 -5.74 6.57 -0.58
N GLU A 20 -7.00 6.26 -0.30
CA GLU A 20 -7.70 6.87 0.82
C GLU A 20 -6.90 6.68 2.09
N TYR A 21 -6.59 5.43 2.40
CA TYR A 21 -5.89 5.11 3.63
C TYR A 21 -4.55 5.84 3.74
N PHE A 22 -3.67 5.63 2.78
CA PHE A 22 -2.32 6.17 2.85
C PHE A 22 -2.29 7.68 2.77
N SER A 23 -3.31 8.28 2.18
CA SER A 23 -3.37 9.74 2.09
C SER A 23 -3.40 10.38 3.47
N THR A 24 -3.92 9.64 4.46
CA THR A 24 -4.06 10.17 5.82
C THR A 24 -2.70 10.48 6.46
N PHE A 25 -1.64 9.89 5.93
CA PHE A 25 -0.30 10.15 6.44
C PHE A 25 0.37 11.32 5.73
N GLY A 26 0.27 11.30 4.40
CA GLY A 26 0.87 12.35 3.59
C GLY A 26 0.39 12.29 2.15
N GLU A 27 1.02 13.07 1.29
CA GLU A 27 0.63 13.10 -0.12
C GLU A 27 1.13 11.85 -0.83
N VAL A 28 0.24 11.22 -1.58
CA VAL A 28 0.55 9.98 -2.28
C VAL A 28 0.75 10.23 -3.77
N LEU A 29 1.85 9.71 -4.31
CA LEU A 29 2.08 9.79 -5.76
C LEU A 29 1.25 8.74 -6.49
N MET A 30 1.55 7.47 -6.24
CA MET A 30 0.82 6.37 -6.87
C MET A 30 0.60 5.21 -5.90
N VAL A 31 -0.46 4.46 -6.14
CA VAL A 31 -0.67 3.19 -5.45
C VAL A 31 -1.03 2.14 -6.49
N GLN A 32 -0.63 0.90 -6.23
CA GLN A 32 -0.97 -0.21 -7.09
C GLN A 32 -1.45 -1.37 -6.25
N VAL A 33 -2.39 -2.12 -6.78
CA VAL A 33 -2.75 -3.41 -6.22
C VAL A 33 -2.53 -4.45 -7.31
N LYS A 34 -1.53 -5.30 -7.13
CA LYS A 34 -1.21 -6.29 -8.15
C LYS A 34 -2.30 -7.33 -8.26
N LYS A 35 -2.75 -7.59 -9.50
CA LYS A 35 -3.86 -8.50 -9.76
C LYS A 35 -3.50 -9.51 -10.83
N ASP A 36 -4.12 -10.69 -10.75
CA ASP A 36 -4.02 -11.67 -11.82
C ASP A 36 -4.65 -11.08 -13.06
N LEU A 37 -3.96 -11.16 -14.20
CA LEU A 37 -4.39 -10.48 -15.41
C LEU A 37 -5.65 -11.11 -16.03
N LYS A 38 -5.89 -12.37 -15.74
CA LYS A 38 -7.03 -13.07 -16.33
C LYS A 38 -8.33 -12.82 -15.55
N THR A 39 -8.23 -12.76 -14.23
CA THR A 39 -9.42 -12.70 -13.39
C THR A 39 -9.58 -11.36 -12.67
N GLY A 40 -8.49 -10.61 -12.54
CA GLY A 40 -8.53 -9.34 -11.84
C GLY A 40 -8.53 -9.49 -10.33
N HIS A 41 -8.52 -10.73 -9.85
CA HIS A 41 -8.45 -10.99 -8.43
C HIS A 41 -7.13 -10.46 -7.87
N SER A 42 -7.20 -9.70 -6.79
CA SER A 42 -6.00 -9.17 -6.15
C SER A 42 -5.12 -10.29 -5.63
N LYS A 43 -3.81 -10.08 -5.69
CA LYS A 43 -2.85 -11.07 -5.22
C LYS A 43 -2.49 -10.86 -3.75
N GLY A 44 -3.01 -9.79 -3.16
CA GLY A 44 -2.83 -9.54 -1.74
C GLY A 44 -1.68 -8.64 -1.37
N PHE A 45 -0.99 -8.09 -2.38
CA PHE A 45 0.06 -7.13 -2.13
C PHE A 45 0.03 -6.02 -3.18
N GLY A 46 0.62 -4.88 -2.86
CA GLY A 46 0.60 -3.74 -3.75
C GLY A 46 1.79 -2.84 -3.50
N PHE A 47 1.74 -1.64 -4.06
CA PHE A 47 2.84 -0.70 -3.88
C PHE A 47 2.32 0.71 -3.62
N VAL A 48 3.19 1.54 -3.06
CA VAL A 48 2.83 2.92 -2.78
C VAL A 48 4.07 3.82 -2.86
N ARG A 49 3.86 5.04 -3.30
CA ARG A 49 4.94 6.02 -3.41
C ARG A 49 4.44 7.34 -2.84
N PHE A 50 5.17 7.88 -1.88
CA PHE A 50 4.83 9.18 -1.31
C PHE A 50 5.72 10.23 -1.92
N THR A 51 5.31 11.48 -1.82
CA THR A 51 6.13 12.58 -2.33
C THR A 51 7.17 12.94 -1.29
N GLU A 52 6.77 12.95 -0.03
CA GLU A 52 7.64 13.37 1.06
C GLU A 52 8.28 12.17 1.75
N TYR A 53 9.61 12.17 1.82
CA TYR A 53 10.35 11.08 2.46
C TYR A 53 9.99 10.94 3.93
N GLU A 54 9.55 12.03 4.54
CA GLU A 54 9.09 12.01 5.92
C GLU A 54 7.93 11.04 6.07
N THR A 55 6.98 11.12 5.14
CA THR A 55 5.80 10.27 5.17
C THR A 55 6.17 8.80 4.99
N GLN A 56 7.17 8.54 4.16
CA GLN A 56 7.60 7.18 3.86
C GLN A 56 8.10 6.45 5.11
N VAL A 57 9.03 7.07 5.83
CA VAL A 57 9.59 6.45 7.03
C VAL A 57 8.51 6.31 8.09
N LYS A 58 7.64 7.31 8.20
CA LYS A 58 6.53 7.26 9.12
C LYS A 58 5.68 6.02 8.85
N VAL A 59 5.41 5.77 7.58
CA VAL A 59 4.57 4.66 7.16
C VAL A 59 5.33 3.34 7.25
N MET A 60 6.63 3.38 6.96
CA MET A 60 7.44 2.17 6.95
C MET A 60 7.63 1.63 8.38
N SER A 61 7.47 2.51 9.36
CA SER A 61 7.85 2.20 10.74
C SER A 61 6.79 1.44 11.53
N GLN A 62 5.55 1.45 11.05
CA GLN A 62 4.45 0.84 11.80
C GLN A 62 3.64 -0.11 10.95
N ARG A 63 2.94 -1.03 11.61
CA ARG A 63 1.98 -1.91 10.94
C ARG A 63 0.73 -1.09 10.60
N HIS A 64 -0.10 -1.61 9.70
CA HIS A 64 -1.25 -0.86 9.21
C HIS A 64 -2.50 -1.73 9.15
N MET A 65 -3.54 -1.31 9.88
CA MET A 65 -4.82 -1.99 9.80
C MET A 65 -5.56 -1.48 8.57
N ILE A 66 -5.58 -2.30 7.53
CA ILE A 66 -6.26 -1.95 6.28
C ILE A 66 -7.38 -2.95 6.01
N ASP A 67 -8.61 -2.47 6.02
CA ASP A 67 -9.78 -3.29 5.75
C ASP A 67 -9.79 -4.61 6.54
N GLY A 68 -9.46 -4.51 7.83
CA GLY A 68 -9.62 -5.64 8.73
C GLY A 68 -8.41 -6.55 8.89
N ARG A 69 -7.30 -6.21 8.23
CA ARG A 69 -6.08 -7.00 8.36
C ARG A 69 -4.85 -6.14 8.62
N TRP A 70 -3.95 -6.66 9.43
CA TRP A 70 -2.68 -5.98 9.68
C TRP A 70 -1.79 -6.15 8.46
N CYS A 71 -1.29 -5.03 7.95
CA CYS A 71 -0.45 -5.04 6.76
C CYS A 71 0.92 -4.45 7.07
N ASP A 72 1.91 -4.78 6.24
CA ASP A 72 3.27 -4.33 6.46
C ASP A 72 3.81 -3.61 5.23
N CYS A 73 4.46 -2.47 5.45
CA CYS A 73 5.08 -1.73 4.37
C CYS A 73 6.59 -1.85 4.47
N LYS A 74 7.18 -2.58 3.53
CA LYS A 74 8.62 -2.80 3.50
C LYS A 74 9.24 -2.19 2.26
N LEU A 75 10.57 -2.18 2.23
CA LEU A 75 11.28 -1.86 1.00
C LEU A 75 11.40 -3.15 0.20
N PRO A 76 11.06 -3.09 -1.10
CA PRO A 76 11.11 -4.31 -1.92
C PRO A 76 12.51 -4.93 -2.00
N ASN A 77 12.58 -6.13 -2.56
CA ASN A 77 13.85 -6.84 -2.73
C ASN A 77 14.37 -6.69 -4.16
#